data_2CJT
#
_entry.id   2CJT
#
_cell.length_a   43.558
_cell.length_b   127.144
_cell.length_c   50.739
_cell.angle_alpha   90.00
_cell.angle_beta   90.27
_cell.angle_gamma   90.00
#
_symmetry.space_group_name_H-M   'P 1 21 1'
#
loop_
_entity.id
_entity.type
_entity.pdbx_description
1 polymer 'UNC-13 HOMOLOG A'
2 non-polymer 1,2-ETHANEDIOL
3 non-polymer 'FORMIC ACID'
4 water water
#
_entity_poly.entity_id   1
_entity_poly.type   'polypeptide(L)'
_entity_poly.pdbx_seq_one_letter_code
;GGVMSLLCVGVKKAKFDGAQEKFNTYVTLKVQNVKSTTIAVRGSQPSWEQDFMFEINRLDLGLTVEVWNKGLIWDTMVGT
VWIPLRTIRQSNEEGPGEWLTLDSQAIMADSEICGTKDPTFHRILLDAHFE
;
_entity_poly.pdbx_strand_id   A,B,C,D
#
loop_
_chem_comp.id
_chem_comp.type
_chem_comp.name
_chem_comp.formula
EDO non-polymer 1,2-ETHANEDIOL 'C2 H6 O2'
FMT non-polymer 'FORMIC ACID' 'C H2 O2'
#
# COMPACT_ATOMS: atom_id res chain seq x y z
N GLY A 1 39.06 -1.74 23.82
CA GLY A 1 37.85 -1.26 23.09
C GLY A 1 37.14 -0.02 23.64
N GLY A 2 36.10 0.46 22.98
CA GLY A 2 35.41 1.61 23.53
C GLY A 2 34.54 1.20 24.70
N VAL A 3 34.28 2.14 25.61
CA VAL A 3 33.34 1.90 26.69
C VAL A 3 31.94 1.70 26.04
N MET A 4 31.11 0.87 26.60
CA MET A 4 29.82 0.56 26.06
C MET A 4 28.80 1.59 26.49
N SER A 5 28.07 2.08 25.53
CA SER A 5 26.76 2.80 25.76
C SER A 5 25.68 2.08 25.10
N LEU A 6 24.52 2.12 25.65
CA LEU A 6 23.35 1.55 25.06
C LEU A 6 22.66 2.50 24.13
N LEU A 7 22.45 2.09 22.89
CA LEU A 7 21.61 2.79 21.92
C LEU A 7 20.22 2.23 21.98
N CYS A 8 19.28 2.99 22.43
CA CYS A 8 17.89 2.60 22.54
C CYS A 8 17.13 3.19 21.37
N VAL A 9 16.57 2.36 20.53
CA VAL A 9 15.78 2.77 19.35
C VAL A 9 14.33 2.37 19.55
N GLY A 10 13.44 3.34 19.43
CA GLY A 10 12.00 3.09 19.51
C GLY A 10 11.44 3.23 18.12
N VAL A 11 11.07 2.12 17.55
CA VAL A 11 10.37 2.03 16.28
C VAL A 11 8.89 2.21 16.50
N LYS A 12 8.39 3.40 16.25
CA LYS A 12 7.04 3.71 16.66
C LYS A 12 6.01 3.25 15.63
N LYS A 13 6.00 3.92 14.49
CA LYS A 13 4.99 3.73 13.46
C LYS A 13 5.47 4.34 12.16
N ALA A 14 4.74 4.10 11.09
CA ALA A 14 5.07 4.70 9.82
C ALA A 14 3.83 5.24 9.17
N LYS A 15 4.05 6.03 8.11
CA LYS A 15 2.98 6.60 7.31
C LYS A 15 3.38 6.52 5.85
N PHE A 16 2.69 5.71 5.07
CA PHE A 16 2.98 5.46 3.69
C PHE A 16 2.04 6.13 2.77
N ASP A 17 2.55 6.56 1.63
CA ASP A 17 1.76 7.15 0.60
C ASP A 17 1.31 6.08 -0.34
N GLY A 18 0.17 5.49 -0.03
CA GLY A 18 -0.41 4.43 -0.83
C GLY A 18 -1.48 3.70 -0.07
N ALA A 19 -2.04 2.69 -0.71
CA ALA A 19 -3.22 1.97 -0.22
C ALA A 19 -2.86 0.94 0.85
N GLN A 20 -3.82 0.69 1.73
CA GLN A 20 -3.73 -0.23 2.83
C GLN A 20 -3.23 -1.57 2.40
N GLU A 21 -3.84 -2.14 1.35
CA GLU A 21 -3.57 -3.48 0.88
C GLU A 21 -2.19 -3.57 0.21
N LYS A 22 -1.51 -2.46 -0.06
CA LYS A 22 -0.22 -2.54 -0.76
C LYS A 22 0.97 -2.61 0.20
N PHE A 23 0.74 -2.50 1.50
CA PHE A 23 1.88 -2.51 2.46
C PHE A 23 1.72 -3.52 3.58
N ASN A 24 2.69 -4.38 3.75
CA ASN A 24 2.82 -5.29 4.86
C ASN A 24 4.29 -5.24 5.21
N THR A 25 4.63 -4.36 6.11
CA THR A 25 6.01 -3.91 6.27
C THR A 25 6.63 -4.24 7.60
N TYR A 26 7.94 -4.35 7.58
CA TYR A 26 8.76 -4.52 8.81
C TYR A 26 9.90 -3.53 8.72
N VAL A 27 10.53 -3.27 9.86
CA VAL A 27 11.65 -2.36 9.96
C VAL A 27 12.85 -3.15 10.43
N THR A 28 13.94 -3.03 9.71
CA THR A 28 15.24 -3.58 10.10
C THR A 28 16.13 -2.42 10.51
N LEU A 29 16.78 -2.59 11.64
CA LEU A 29 17.78 -1.71 12.21
C LEU A 29 19.13 -2.31 12.13
N LYS A 30 20.08 -1.64 11.49
CA LYS A 30 21.43 -2.15 11.34
C LYS A 30 22.40 -1.15 11.95
N VAL A 31 23.31 -1.62 12.81
CA VAL A 31 24.32 -0.79 13.43
C VAL A 31 25.43 -1.70 13.91
N GLN A 32 26.65 -1.24 13.82
CA GLN A 32 27.82 -1.97 14.36
C GLN A 32 27.80 -3.47 14.05
N ASN A 33 27.58 -3.78 12.79
CA ASN A 33 27.66 -5.15 12.30
C ASN A 33 26.53 -6.13 12.74
N VAL A 34 25.52 -5.59 13.40
CA VAL A 34 24.36 -6.34 13.85
C VAL A 34 23.09 -5.78 13.29
N LYS A 35 22.01 -6.54 13.43
CA LYS A 35 20.66 -6.07 13.04
CA LYS A 35 20.69 -6.19 12.90
C LYS A 35 19.59 -6.75 13.80
N SER A 36 18.54 -6.01 13.99
CA SER A 36 17.31 -6.48 14.65
C SER A 36 16.14 -5.98 13.83
N THR A 37 15.00 -6.69 13.88
CA THR A 37 13.89 -6.46 12.95
C THR A 37 12.60 -6.57 13.76
N THR A 38 11.60 -5.73 13.40
CA THR A 38 10.21 -5.79 13.91
C THR A 38 9.45 -6.91 13.26
N ILE A 39 8.26 -7.19 13.75
CA ILE A 39 7.30 -7.97 13.01
C ILE A 39 6.78 -7.21 11.79
N ALA A 40 6.13 -7.87 10.85
CA ALA A 40 5.47 -7.24 9.71
C ALA A 40 4.05 -6.88 10.14
N VAL A 41 3.62 -5.72 9.71
CA VAL A 41 2.31 -5.20 10.06
C VAL A 41 1.65 -4.70 8.75
N ARG A 42 0.39 -5.01 8.53
CA ARG A 42 -0.40 -4.65 7.37
C ARG A 42 -0.93 -3.26 7.55
N GLY A 43 -0.81 -2.46 6.52
CA GLY A 43 -1.50 -1.18 6.37
C GLY A 43 -0.64 -0.03 5.94
N SER A 44 -1.33 1.08 5.69
N SER A 44 -1.28 1.08 5.66
CA SER A 44 -0.69 2.37 5.31
CA SER A 44 -0.53 2.30 5.28
C SER A 44 -0.04 3.09 6.49
C SER A 44 -0.13 3.19 6.48
N GLN A 45 -0.57 2.86 7.67
CA GLN A 45 -0.08 3.49 8.94
C GLN A 45 0.18 2.43 9.98
N PRO A 46 1.17 1.59 9.67
CA PRO A 46 1.48 0.51 10.62
C PRO A 46 2.05 1.05 11.92
N SER A 47 1.69 0.38 13.02
CA SER A 47 2.26 0.66 14.32
C SER A 47 3.01 -0.59 14.79
N TRP A 48 4.25 -0.39 15.14
CA TRP A 48 5.10 -1.42 15.76
C TRP A 48 5.31 -1.22 17.26
N GLU A 49 5.59 0.00 17.69
CA GLU A 49 5.84 0.37 19.08
C GLU A 49 6.77 -0.63 19.75
N GLN A 50 7.92 -0.82 19.12
CA GLN A 50 8.94 -1.79 19.59
C GLN A 50 10.22 -1.06 19.88
N ASP A 51 10.86 -1.35 21.03
CA ASP A 51 12.13 -0.82 21.42
C ASP A 51 13.18 -1.91 21.23
N PHE A 52 14.35 -1.42 20.87
CA PHE A 52 15.56 -2.23 20.63
C PHE A 52 16.72 -1.65 21.37
N MET A 53 17.61 -2.42 21.92
CA MET A 53 18.83 -1.95 22.55
C MET A 53 20.02 -2.50 21.76
N PHE A 54 21.01 -1.71 21.52
CA PHE A 54 22.28 -2.14 20.92
C PHE A 54 23.40 -1.70 21.86
N GLU A 55 24.38 -2.55 22.04
CA GLU A 55 25.58 -2.21 22.79
C GLU A 55 26.57 -1.59 21.82
N ILE A 56 26.85 -0.32 21.98
CA ILE A 56 27.68 0.44 21.09
C ILE A 56 29.00 0.78 21.72
N ASN A 57 30.10 0.49 21.04
CA ASN A 57 31.39 0.76 21.53
C ASN A 57 32.25 1.60 20.64
N ARG A 58 31.67 2.19 19.63
CA ARG A 58 32.34 3.19 18.77
C ARG A 58 31.29 4.08 18.15
N LEU A 59 31.60 5.35 17.98
N LEU A 59 31.60 5.35 18.04
CA LEU A 59 30.62 6.35 17.54
CA LEU A 59 30.63 6.35 17.63
C LEU A 59 30.69 6.74 16.08
C LEU A 59 30.84 6.85 16.15
N ASP A 60 31.52 6.05 15.34
CA ASP A 60 31.60 6.32 13.94
C ASP A 60 30.38 5.65 13.23
N LEU A 61 30.11 6.15 12.04
CA LEU A 61 29.15 5.59 11.14
C LEU A 61 27.77 5.82 11.73
N GLY A 62 26.81 4.99 11.37
CA GLY A 62 25.45 5.28 11.63
C GLY A 62 24.56 4.11 11.90
N LEU A 63 23.34 4.42 12.20
CA LEU A 63 22.24 3.52 12.32
C LEU A 63 21.46 3.55 10.99
N THR A 64 21.38 2.41 10.35
CA THR A 64 20.60 2.29 9.10
C THR A 64 19.26 1.68 9.40
N VAL A 65 18.21 2.41 9.02
CA VAL A 65 16.84 2.04 9.16
C VAL A 65 16.27 1.66 7.80
N GLU A 66 15.88 0.41 7.65
CA GLU A 66 15.30 -0.06 6.40
C GLU A 66 13.84 -0.46 6.61
N VAL A 67 12.97 0.00 5.74
CA VAL A 67 11.57 -0.39 5.78
C VAL A 67 11.33 -1.28 4.56
N TRP A 68 10.93 -2.51 4.83
CA TRP A 68 10.74 -3.57 3.81
C TRP A 68 9.29 -3.93 3.67
N ASN A 69 8.84 -4.16 2.44
CA ASN A 69 7.54 -4.74 2.16
C ASN A 69 7.73 -6.22 2.06
N LYS A 70 7.13 -6.97 2.93
CA LYS A 70 7.27 -8.44 2.98
C LYS A 70 6.55 -9.10 1.84
N GLY A 71 7.26 -10.05 1.24
CA GLY A 71 6.66 -10.90 0.21
C GLY A 71 6.94 -12.34 0.47
N LEU A 72 6.28 -13.19 -0.26
CA LEU A 72 6.48 -14.64 -0.13
C LEU A 72 7.82 -15.06 -0.65
N ILE A 73 8.23 -14.59 -1.81
CA ILE A 73 9.41 -15.05 -2.49
C ILE A 73 10.54 -14.04 -2.41
N TRP A 74 10.22 -12.76 -2.43
CA TRP A 74 11.15 -11.72 -2.20
C TRP A 74 10.47 -10.59 -1.43
N ASP A 75 11.26 -9.82 -0.76
CA ASP A 75 10.85 -8.56 -0.09
C ASP A 75 11.29 -7.39 -0.93
N THR A 76 10.58 -6.30 -0.85
CA THR A 76 10.84 -5.10 -1.68
C THR A 76 11.08 -3.89 -0.78
N MET A 77 12.18 -3.19 -1.00
N MET A 77 12.18 -3.19 -1.00
CA MET A 77 12.49 -2.01 -0.21
CA MET A 77 12.50 -2.00 -0.21
C MET A 77 11.44 -0.89 -0.38
C MET A 77 11.45 -0.89 -0.38
N VAL A 78 10.89 -0.43 0.73
CA VAL A 78 10.03 0.77 0.70
C VAL A 78 10.95 1.99 0.76
N GLY A 79 11.88 2.07 1.71
CA GLY A 79 12.89 3.10 1.74
C GLY A 79 13.75 2.96 2.96
N THR A 80 14.72 3.83 3.05
N THR A 80 14.78 3.79 2.99
CA THR A 80 15.74 3.74 4.09
CA THR A 80 15.75 3.85 4.07
C THR A 80 16.14 5.13 4.57
C THR A 80 15.97 5.22 4.66
N VAL A 81 16.56 5.22 5.83
CA VAL A 81 17.20 6.42 6.35
C VAL A 81 18.44 6.05 7.14
N TRP A 82 19.43 6.94 7.10
CA TRP A 82 20.69 6.73 7.78
C TRP A 82 20.87 7.84 8.79
N ILE A 83 21.19 7.45 10.01
CA ILE A 83 21.27 8.32 11.16
C ILE A 83 22.69 8.23 11.73
N PRO A 84 23.51 9.25 11.57
CA PRO A 84 24.90 9.19 12.14
C PRO A 84 24.82 9.04 13.65
N LEU A 85 25.62 8.12 14.20
CA LEU A 85 25.62 7.91 15.63
C LEU A 85 26.01 9.11 16.44
N ARG A 86 26.97 9.86 15.95
CA ARG A 86 27.59 10.84 16.82
C ARG A 86 26.63 11.86 17.32
N THR A 87 25.59 12.17 16.57
CA THR A 87 24.64 13.21 17.05
C THR A 87 23.28 12.70 17.55
N ILE A 88 23.18 11.39 17.72
CA ILE A 88 22.02 10.87 18.47
C ILE A 88 22.12 11.43 19.91
N ARG A 89 20.94 11.85 20.39
CA ARG A 89 20.91 12.46 21.65
C ARG A 89 21.33 11.55 22.81
N GLN A 90 22.04 12.04 23.80
CA GLN A 90 22.50 11.32 24.96
C GLN A 90 21.53 11.66 26.08
N SER A 91 20.63 10.72 26.37
CA SER A 91 19.59 10.91 27.37
C SER A 91 19.01 9.55 27.72
N ASN A 92 18.53 9.44 28.95
CA ASN A 92 17.81 8.27 29.43
C ASN A 92 16.27 8.37 29.21
N GLU A 93 15.82 9.46 28.64
CA GLU A 93 14.40 9.81 28.49
C GLU A 93 13.86 9.26 27.17
N GLU A 94 12.86 8.39 27.22
CA GLU A 94 12.14 7.95 26.02
C GLU A 94 11.47 9.16 25.40
N GLY A 95 11.59 9.24 24.11
CA GLY A 95 10.99 10.28 23.32
C GLY A 95 9.85 9.80 22.42
N PRO A 96 9.10 10.74 21.81
CA PRO A 96 8.00 10.37 20.96
C PRO A 96 8.46 9.97 19.56
N GLY A 97 9.69 10.24 19.22
CA GLY A 97 10.20 10.03 17.87
C GLY A 97 10.16 11.33 17.10
N GLU A 98 10.94 11.31 16.03
CA GLU A 98 10.89 12.34 14.99
C GLU A 98 10.46 11.65 13.71
N TRP A 99 9.70 12.33 12.90
CA TRP A 99 9.29 11.89 11.55
C TRP A 99 10.43 12.01 10.58
N LEU A 100 10.85 10.94 9.99
CA LEU A 100 11.95 10.89 9.07
C LEU A 100 11.45 10.45 7.71
N THR A 101 11.75 11.19 6.68
CA THR A 101 11.38 10.85 5.32
C THR A 101 12.30 9.77 4.84
N LEU A 102 11.74 8.71 4.31
CA LEU A 102 12.54 7.61 3.80
C LEU A 102 13.09 8.00 2.44
N ASP A 103 14.30 7.56 2.18
CA ASP A 103 14.88 7.60 0.83
C ASP A 103 14.42 6.39 0.04
N SER A 104 13.72 6.62 -1.06
CA SER A 104 13.46 5.56 -2.05
C SER A 104 14.79 4.96 -2.64
N GLY A 115 8.10 11.61 -15.19
CA GLY A 115 7.73 12.88 -15.76
C GLY A 115 6.57 13.63 -15.14
N THR A 116 5.34 13.11 -15.25
CA THR A 116 4.18 13.89 -14.75
C THR A 116 3.52 13.27 -13.50
N LYS A 117 4.07 12.20 -12.98
CA LYS A 117 3.51 11.64 -11.76
C LYS A 117 3.94 12.46 -10.55
N ASP A 118 3.02 12.53 -9.60
CA ASP A 118 3.27 13.05 -8.27
C ASP A 118 4.41 12.26 -7.58
N PRO A 119 5.34 12.97 -6.95
CA PRO A 119 6.32 12.24 -6.11
C PRO A 119 5.62 11.51 -4.94
N THR A 120 6.23 10.42 -4.51
CA THR A 120 5.77 9.60 -3.38
C THR A 120 6.74 9.73 -2.24
N PHE A 121 6.26 10.08 -1.05
CA PHE A 121 7.12 10.20 0.13
C PHE A 121 6.53 9.38 1.27
N HIS A 122 7.30 8.47 1.78
CA HIS A 122 7.00 7.61 2.90
C HIS A 122 7.81 8.07 4.10
N ARG A 123 7.24 7.92 5.29
CA ARG A 123 7.86 8.47 6.54
C ARG A 123 7.83 7.44 7.64
N ILE A 124 8.82 7.50 8.55
CA ILE A 124 8.84 6.64 9.74
C ILE A 124 8.98 7.52 10.99
N LEU A 125 8.30 7.22 12.06
CA LEU A 125 8.43 7.89 13.36
C LEU A 125 9.33 7.01 14.22
N LEU A 126 10.48 7.60 14.56
CA LEU A 126 11.58 6.85 15.18
C LEU A 126 12.22 7.66 16.28
N ASP A 127 12.38 7.05 17.46
CA ASP A 127 13.13 7.62 18.58
C ASP A 127 14.46 6.93 18.66
N ALA A 128 15.49 7.62 19.03
CA ALA A 128 16.78 7.03 19.35
C ALA A 128 17.47 7.87 20.42
N HIS A 129 18.11 7.22 21.36
CA HIS A 129 18.84 7.93 22.39
C HIS A 129 19.86 6.96 23.03
N PHE A 130 21.02 7.52 23.38
CA PHE A 130 22.10 6.88 24.07
C PHE A 130 21.99 6.99 25.58
N GLU A 131 22.20 5.91 26.29
CA GLU A 131 22.12 5.85 27.72
C GLU A 131 23.05 4.77 28.27
N GLY B 1 -32.76 -15.51 -11.38
CA GLY B 1 -31.87 -14.57 -12.07
C GLY B 1 -31.70 -14.94 -13.54
N GLY B 2 -31.08 -14.04 -14.23
CA GLY B 2 -30.90 -14.14 -15.65
C GLY B 2 -29.65 -14.87 -16.04
N VAL B 3 -29.58 -15.11 -17.31
CA VAL B 3 -28.35 -15.63 -17.88
C VAL B 3 -27.24 -14.57 -17.74
N MET B 4 -26.02 -15.07 -17.67
CA MET B 4 -24.91 -14.17 -17.50
C MET B 4 -24.36 -13.67 -18.83
N SER B 5 -24.24 -12.38 -18.96
CA SER B 5 -23.42 -11.76 -20.00
C SER B 5 -22.33 -10.92 -19.39
N LEU B 6 -21.26 -10.77 -20.14
CA LEU B 6 -20.16 -9.97 -19.69
C LEU B 6 -20.28 -8.55 -20.21
N LEU B 7 -20.25 -7.59 -19.30
CA LEU B 7 -20.12 -6.18 -19.63
C LEU B 7 -18.66 -5.78 -19.58
N CYS B 8 -18.08 -5.44 -20.70
CA CYS B 8 -16.71 -4.98 -20.83
C CYS B 8 -16.71 -3.47 -20.95
N VAL B 9 -16.05 -2.83 -20.03
CA VAL B 9 -15.95 -1.36 -19.95
C VAL B 9 -14.50 -0.97 -20.14
N GLY B 10 -14.24 -0.13 -21.12
CA GLY B 10 -12.91 0.42 -21.38
C GLY B 10 -12.89 1.86 -20.97
N VAL B 11 -12.16 2.12 -19.88
CA VAL B 11 -11.96 3.47 -19.34
C VAL B 11 -10.73 4.00 -20.03
N LYS B 12 -10.94 4.88 -21.00
CA LYS B 12 -9.83 5.31 -21.85
C LYS B 12 -9.05 6.46 -21.23
N LYS B 13 -9.68 7.63 -21.21
CA LYS B 13 -9.03 8.89 -20.80
C LYS B 13 -10.12 9.91 -20.54
N ALA B 14 -9.72 11.06 -20.01
CA ALA B 14 -10.63 12.16 -19.72
C ALA B 14 -10.03 13.45 -20.20
N LYS B 15 -10.86 14.46 -20.27
CA LYS B 15 -10.46 15.81 -20.62
C LYS B 15 -11.17 16.80 -19.71
N PHE B 16 -10.42 17.48 -18.88
CA PHE B 16 -10.95 18.43 -17.90
C PHE B 16 -10.75 19.84 -18.27
N ASP B 17 -11.68 20.71 -17.90
CA ASP B 17 -11.55 22.15 -18.08
C ASP B 17 -10.94 22.70 -16.82
N GLY B 18 -9.63 22.79 -16.81
CA GLY B 18 -8.91 23.37 -15.69
C GLY B 18 -7.44 22.99 -15.79
N ALA B 19 -6.70 23.44 -14.82
CA ALA B 19 -5.24 23.36 -14.77
C ALA B 19 -4.73 21.95 -14.39
N GLN B 20 -3.55 21.61 -14.90
CA GLN B 20 -2.87 20.34 -14.66
C GLN B 20 -2.79 20.02 -13.19
N GLU B 21 -2.35 20.96 -12.38
CA GLU B 21 -2.12 20.77 -10.96
C GLU B 21 -3.42 20.65 -10.15
N LYS B 22 -4.57 20.87 -10.75
CA LYS B 22 -5.81 20.82 -9.98
C LYS B 22 -6.48 19.47 -10.07
N PHE B 23 -5.97 18.55 -10.87
CA PHE B 23 -6.63 17.24 -11.01
C PHE B 23 -5.66 16.08 -10.85
N ASN B 24 -6.06 15.16 -10.00
CA ASN B 24 -5.42 13.87 -9.79
C ASN B 24 -6.56 12.88 -9.58
N THR B 25 -7.02 12.30 -10.66
CA THR B 25 -8.34 11.72 -10.74
C THR B 25 -8.31 10.21 -10.97
N TYR B 26 -9.40 9.57 -10.53
CA TYR B 26 -9.64 8.15 -10.78
C TYR B 26 -11.09 7.99 -11.16
N VAL B 27 -11.42 6.87 -11.78
CA VAL B 27 -12.76 6.56 -12.27
C VAL B 27 -13.25 5.37 -11.48
N THR B 28 -14.43 5.50 -10.91
CA THR B 28 -15.16 4.36 -10.30
C THR B 28 -16.31 3.98 -11.18
N LEU B 29 -16.44 2.71 -11.43
CA LEU B 29 -17.53 2.06 -12.17
C LEU B 29 -18.43 1.29 -11.24
N LYS B 30 -19.71 1.56 -11.23
CA LYS B 30 -20.68 0.88 -10.35
C LYS B 30 -21.75 0.23 -11.18
N VAL B 31 -21.99 -1.04 -10.95
CA VAL B 31 -23.07 -1.71 -11.65
C VAL B 31 -23.43 -2.92 -10.85
N GLN B 32 -24.72 -3.25 -10.80
CA GLN B 32 -25.17 -4.50 -10.13
C GLN B 32 -24.52 -4.75 -8.75
N ASN B 33 -24.56 -3.77 -7.90
CA ASN B 33 -24.06 -3.86 -6.50
C ASN B 33 -22.55 -4.04 -6.29
N VAL B 34 -21.78 -3.90 -7.35
CA VAL B 34 -20.34 -3.98 -7.27
C VAL B 34 -19.72 -2.69 -7.82
N LYS B 35 -18.43 -2.48 -7.52
N LYS B 35 -18.39 -2.60 -7.67
CA LYS B 35 -17.66 -1.41 -8.15
CA LYS B 35 -17.65 -1.42 -8.06
C LYS B 35 -16.17 -1.76 -8.26
C LYS B 35 -16.20 -1.84 -8.34
N SER B 36 -15.62 -1.20 -9.33
CA SER B 36 -14.18 -1.31 -9.65
C SER B 36 -13.68 0.09 -9.93
N THR B 37 -12.41 0.33 -9.71
CA THR B 37 -11.80 1.66 -9.73
C THR B 37 -10.45 1.60 -10.42
N THR B 38 -10.16 2.61 -11.23
CA THR B 38 -8.84 2.82 -11.83
C THR B 38 -7.87 3.34 -10.78
N ILE B 39 -6.61 3.43 -11.19
CA ILE B 39 -5.65 4.21 -10.44
C ILE B 39 -5.92 5.72 -10.57
N ALA B 40 -5.36 6.55 -9.74
CA ALA B 40 -5.36 7.99 -9.89
C ALA B 40 -4.23 8.40 -10.81
N VAL B 41 -4.55 9.37 -11.65
CA VAL B 41 -3.60 9.90 -12.65
C VAL B 41 -3.65 11.43 -12.62
N ARG B 42 -2.49 12.09 -12.61
CA ARG B 42 -2.36 13.54 -12.55
C ARG B 42 -2.57 14.16 -13.90
N GLY B 43 -3.30 15.24 -13.96
CA GLY B 43 -3.33 16.13 -15.10
C GLY B 43 -4.74 16.41 -15.61
N SER B 44 -4.79 17.34 -16.57
N SER B 44 -4.81 17.31 -16.56
CA SER B 44 -6.04 17.76 -17.23
CA SER B 44 -6.09 17.70 -17.12
C SER B 44 -6.54 16.74 -18.25
C SER B 44 -6.52 16.83 -18.30
N GLN B 45 -5.67 15.91 -18.78
CA GLN B 45 -6.01 14.91 -19.83
C GLN B 45 -5.51 13.55 -19.41
N PRO B 46 -5.95 13.06 -18.25
CA PRO B 46 -5.44 11.75 -17.75
C PRO B 46 -5.80 10.61 -18.65
N SER B 47 -4.87 9.67 -18.79
CA SER B 47 -5.11 8.43 -19.53
C SER B 47 -4.99 7.26 -18.59
N TRP B 48 -6.04 6.44 -18.55
CA TRP B 48 -6.06 5.18 -17.80
C TRP B 48 -5.89 3.96 -18.67
N GLU B 49 -6.59 3.89 -19.79
CA GLU B 49 -6.55 2.77 -20.72
C GLU B 49 -6.69 1.46 -19.97
N GLN B 50 -7.74 1.36 -19.20
CA GLN B 50 -7.98 0.13 -18.37
C GLN B 50 -9.35 -0.47 -18.68
N ASP B 51 -9.38 -1.77 -18.90
CA ASP B 51 -10.59 -2.54 -19.10
C ASP B 51 -11.03 -3.26 -17.81
N PHE B 52 -12.34 -3.32 -17.68
CA PHE B 52 -13.04 -3.98 -16.61
C PHE B 52 -14.07 -4.91 -17.16
N MET B 53 -14.30 -6.03 -16.48
CA MET B 53 -15.37 -6.96 -16.83
CA MET B 53 -15.35 -6.98 -16.83
C MET B 53 -16.32 -7.09 -15.66
N PHE B 54 -17.59 -7.11 -15.91
CA PHE B 54 -18.64 -7.34 -14.92
C PHE B 54 -19.49 -8.50 -15.42
N GLU B 55 -19.91 -9.38 -14.53
CA GLU B 55 -20.88 -10.42 -14.82
C GLU B 55 -22.27 -9.90 -14.53
N ILE B 56 -23.05 -9.74 -15.57
CA ILE B 56 -24.36 -9.14 -15.53
C ILE B 56 -25.42 -10.15 -15.73
N ASN B 57 -26.41 -10.18 -14.86
CA ASN B 57 -27.52 -11.13 -14.95
C ASN B 57 -28.90 -10.50 -14.93
N ARG B 58 -28.95 -9.18 -15.06
CA ARG B 58 -30.21 -8.46 -15.24
C ARG B 58 -29.93 -7.15 -15.97
N LEU B 59 -30.83 -6.75 -16.83
CA LEU B 59 -30.61 -5.63 -17.75
C LEU B 59 -31.34 -4.33 -17.40
N ASP B 60 -31.88 -4.30 -16.22
CA ASP B 60 -32.44 -3.08 -15.77
C ASP B 60 -31.29 -2.22 -15.13
N LEU B 61 -31.63 -0.99 -14.94
CA LEU B 61 -30.77 0.00 -14.35
C LEU B 61 -29.55 0.26 -15.23
N GLY B 62 -28.45 0.65 -14.64
CA GLY B 62 -27.41 1.21 -15.39
C GLY B 62 -26.04 1.03 -14.83
N LEU B 63 -25.08 1.49 -15.60
CA LEU B 63 -23.67 1.63 -15.19
C LEU B 63 -23.41 3.06 -14.80
N THR B 64 -23.02 3.27 -13.54
CA THR B 64 -22.66 4.60 -13.02
C THR B 64 -21.18 4.78 -13.16
N VAL B 65 -20.77 5.88 -13.78
CA VAL B 65 -19.37 6.23 -13.98
C VAL B 65 -19.12 7.48 -13.19
N GLU B 66 -18.25 7.40 -12.21
CA GLU B 66 -17.91 8.55 -11.32
C GLU B 66 -16.44 8.90 -11.57
N VAL B 67 -16.14 10.17 -11.73
CA VAL B 67 -14.77 10.66 -11.79
C VAL B 67 -14.53 11.49 -10.53
N TRP B 68 -13.55 11.04 -9.76
CA TRP B 68 -13.20 11.60 -8.47
C TRP B 68 -11.84 12.24 -8.50
N ASN B 69 -11.69 13.40 -7.85
CA ASN B 69 -10.45 14.06 -7.54
C ASN B 69 -9.94 13.58 -6.21
N LYS B 70 -8.82 12.92 -6.21
CA LYS B 70 -8.23 12.28 -5.02
C LYS B 70 -7.65 13.30 -4.10
N GLY B 71 -8.02 13.22 -2.83
CA GLY B 71 -7.41 14.06 -1.80
C GLY B 71 -6.88 13.18 -0.67
N LEU B 72 -6.11 13.79 0.21
CA LEU B 72 -5.57 13.11 1.37
C LEU B 72 -6.68 12.75 2.35
N ILE B 73 -7.60 13.64 2.68
CA ILE B 73 -8.54 13.52 3.78
C ILE B 73 -9.92 13.33 3.25
N TRP B 74 -10.25 13.84 2.07
CA TRP B 74 -11.46 13.58 1.38
C TRP B 74 -11.23 13.64 -0.13
N ASP B 75 -12.04 13.01 -0.88
CA ASP B 75 -12.03 13.07 -2.34
C ASP B 75 -13.22 13.96 -2.77
N THR B 76 -13.16 14.60 -3.90
CA THR B 76 -14.18 15.53 -4.41
C THR B 76 -14.66 15.09 -5.76
N MET B 77 -15.96 14.93 -5.95
CA MET B 77 -16.58 14.57 -7.19
CA MET B 77 -16.41 14.44 -7.26
C MET B 77 -16.23 15.51 -8.34
N VAL B 78 -15.63 15.09 -9.42
CA VAL B 78 -15.49 15.92 -10.64
C VAL B 78 -16.82 15.84 -11.43
N GLY B 79 -17.36 14.66 -11.66
CA GLY B 79 -18.69 14.54 -12.21
C GLY B 79 -18.98 13.06 -12.48
N THR B 80 -20.15 12.80 -13.01
N THR B 80 -20.21 12.83 -12.92
CA THR B 80 -20.73 11.47 -13.07
CA THR B 80 -20.77 11.50 -13.14
C THR B 80 -21.60 11.38 -14.32
C THR B 80 -21.48 11.40 -14.48
N VAL B 81 -21.65 10.18 -14.92
CA VAL B 81 -22.55 9.89 -16.03
C VAL B 81 -23.18 8.52 -15.77
N TRP B 82 -24.41 8.36 -16.20
CA TRP B 82 -25.18 7.12 -16.04
C TRP B 82 -25.55 6.58 -17.40
N ILE B 83 -25.28 5.31 -17.59
CA ILE B 83 -25.46 4.64 -18.87
C ILE B 83 -26.45 3.51 -18.65
N PRO B 84 -27.66 3.58 -19.22
CA PRO B 84 -28.58 2.44 -19.05
C PRO B 84 -28.03 1.16 -19.67
N LEU B 85 -28.16 0.04 -18.98
CA LEU B 85 -27.61 -1.19 -19.54
C LEU B 85 -28.29 -1.66 -20.81
N ARG B 86 -29.60 -1.46 -20.90
CA ARG B 86 -30.38 -2.16 -21.91
C ARG B 86 -29.99 -1.71 -23.29
N THR B 87 -29.42 -0.51 -23.45
CA THR B 87 -28.97 -0.06 -24.79
C THR B 87 -27.44 -0.10 -25.03
N ILE B 88 -26.67 -0.69 -24.11
CA ILE B 88 -25.25 -0.94 -24.38
C ILE B 88 -25.16 -1.91 -25.54
N ARG B 89 -24.27 -1.61 -26.48
CA ARG B 89 -24.12 -2.43 -27.65
C ARG B 89 -23.71 -3.85 -27.33
N GLN B 90 -24.24 -4.84 -28.01
CA GLN B 90 -23.96 -6.23 -27.88
C GLN B 90 -22.97 -6.59 -29.00
N SER B 91 -21.70 -6.68 -28.61
CA SER B 91 -20.60 -6.91 -29.57
C SER B 91 -19.41 -7.39 -28.80
N ASN B 92 -18.61 -8.21 -29.46
CA ASN B 92 -17.34 -8.64 -28.96
C ASN B 92 -16.18 -7.67 -29.37
N GLU B 93 -16.48 -6.60 -30.07
CA GLU B 93 -15.48 -5.73 -30.68
C GLU B 93 -15.15 -4.60 -29.68
N GLU B 94 -13.89 -4.48 -29.29
CA GLU B 94 -13.40 -3.30 -28.53
C GLU B 94 -13.62 -2.06 -29.39
N GLY B 95 -14.12 -1.00 -28.80
CA GLY B 95 -14.34 0.27 -29.43
C GLY B 95 -13.38 1.33 -28.88
N PRO B 96 -13.35 2.49 -29.54
CA PRO B 96 -12.51 3.60 -29.13
C PRO B 96 -13.09 4.39 -27.97
N GLY B 97 -14.35 4.15 -27.65
CA GLY B 97 -15.09 4.91 -26.69
C GLY B 97 -15.92 6.03 -27.36
N GLU B 98 -16.86 6.53 -26.59
CA GLU B 98 -17.57 7.78 -26.89
C GLU B 98 -17.28 8.82 -25.83
N TRP B 99 -17.24 10.07 -26.22
CA TRP B 99 -17.04 11.18 -25.28
C TRP B 99 -18.33 11.46 -24.56
N LEU B 100 -18.36 11.42 -23.29
CA LEU B 100 -19.54 11.63 -22.50
C LEU B 100 -19.27 12.83 -21.61
N THR B 101 -20.14 13.81 -21.62
CA THR B 101 -20.05 14.94 -20.68
C THR B 101 -20.47 14.55 -19.33
N LEU B 102 -19.64 14.84 -18.35
CA LEU B 102 -19.95 14.54 -16.98
C LEU B 102 -20.96 15.53 -16.44
N ASP B 103 -21.84 15.05 -15.60
N ASP B 103 -21.86 15.06 -15.60
CA ASP B 103 -22.73 15.91 -14.82
CA ASP B 103 -22.70 15.95 -14.80
C ASP B 103 -22.01 16.31 -13.50
C ASP B 103 -21.98 16.32 -13.52
N SER B 104 -21.79 17.61 -13.23
CA SER B 104 -21.14 18.00 -11.96
C SER B 104 -22.10 17.83 -10.77
N GLY B 115 -23.70 33.57 -11.87
CA GLY B 115 -23.39 34.91 -12.24
C GLY B 115 -22.81 35.09 -13.65
N THR B 116 -21.56 35.53 -13.74
CA THR B 116 -20.98 35.84 -15.05
C THR B 116 -19.85 34.91 -15.43
N LYS B 117 -19.64 33.87 -14.63
N LYS B 117 -19.69 33.85 -14.68
CA LYS B 117 -18.58 32.89 -14.92
CA LYS B 117 -18.61 32.93 -14.95
C LYS B 117 -18.97 32.03 -16.11
C LYS B 117 -18.96 31.97 -16.08
N ASP B 118 -17.94 31.66 -16.87
CA ASP B 118 -18.05 30.69 -17.93
C ASP B 118 -18.37 29.31 -17.34
N PRO B 119 -19.31 28.62 -17.94
CA PRO B 119 -19.56 27.22 -17.53
C PRO B 119 -18.31 26.34 -17.75
N THR B 120 -18.20 25.34 -16.92
CA THR B 120 -17.14 24.33 -16.93
C THR B 120 -17.73 22.99 -17.32
N PHE B 121 -17.13 22.32 -18.32
CA PHE B 121 -17.57 20.98 -18.77
C PHE B 121 -16.39 20.04 -18.84
N HIS B 122 -16.49 18.93 -18.16
CA HIS B 122 -15.54 17.85 -18.12
C HIS B 122 -16.11 16.65 -18.87
N ARG B 123 -15.22 15.89 -19.47
CA ARG B 123 -15.65 14.77 -20.37
C ARG B 123 -14.84 13.56 -20.11
N ILE B 124 -15.42 12.40 -20.32
CA ILE B 124 -14.70 11.08 -20.25
C ILE B 124 -14.89 10.32 -21.57
N LEU B 125 -13.84 9.66 -22.02
CA LEU B 125 -13.86 8.77 -23.19
C LEU B 125 -13.99 7.35 -22.69
N LEU B 126 -15.12 6.71 -23.00
CA LEU B 126 -15.51 5.43 -22.39
C LEU B 126 -16.14 4.52 -23.45
N ASP B 127 -15.65 3.28 -23.46
CA ASP B 127 -16.21 2.18 -24.27
C ASP B 127 -17.01 1.25 -23.36
N ALA B 128 -18.06 0.67 -23.88
CA ALA B 128 -18.79 -0.37 -23.18
C ALA B 128 -19.47 -1.26 -24.17
N HIS B 129 -19.40 -2.54 -23.91
CA HIS B 129 -20.02 -3.55 -24.81
C HIS B 129 -20.31 -4.86 -24.08
N PHE B 130 -21.42 -5.46 -24.36
CA PHE B 130 -21.80 -6.76 -23.89
C PHE B 130 -21.32 -7.89 -24.77
N GLU B 131 -20.81 -8.94 -24.17
CA GLU B 131 -20.30 -10.12 -24.82
C GLU B 131 -20.45 -11.37 -23.98
N SER C 5 16.40 -9.07 -17.92
CA SER C 5 17.27 -10.31 -17.98
C SER C 5 17.09 -11.15 -16.71
N LEU C 6 17.19 -12.48 -16.82
CA LEU C 6 16.93 -13.37 -15.67
C LEU C 6 18.24 -13.82 -15.00
N LEU C 7 18.53 -13.27 -13.84
CA LEU C 7 19.68 -13.68 -13.03
C LEU C 7 19.35 -14.87 -12.14
N CYS C 8 20.18 -15.90 -12.24
CA CYS C 8 20.05 -17.11 -11.45
C CYS C 8 21.23 -17.21 -10.51
N VAL C 9 20.95 -17.44 -9.22
CA VAL C 9 21.98 -17.47 -8.18
C VAL C 9 21.80 -18.76 -7.42
N GLY C 10 22.85 -19.59 -7.40
CA GLY C 10 22.89 -20.81 -6.64
C GLY C 10 23.74 -20.58 -5.40
N VAL C 11 23.07 -20.50 -4.26
CA VAL C 11 23.75 -20.36 -2.98
C VAL C 11 24.03 -21.77 -2.51
N LYS C 12 25.30 -22.15 -2.61
CA LYS C 12 25.69 -23.54 -2.37
C LYS C 12 25.97 -23.85 -0.90
N LYS C 13 27.06 -23.30 -0.40
CA LYS C 13 27.57 -23.63 0.94
C LYS C 13 28.54 -22.57 1.33
N ALA C 14 28.99 -22.65 2.57
CA ALA C 14 30.03 -21.75 3.09
C ALA C 14 31.03 -22.49 3.92
N LYS C 15 32.16 -21.86 4.20
CA LYS C 15 33.18 -22.45 5.08
C LYS C 15 33.65 -21.33 5.96
N PHE C 16 33.37 -21.46 7.26
CA PHE C 16 33.73 -20.46 8.24
C PHE C 16 34.97 -20.89 9.02
N ASP C 17 35.73 -19.89 9.40
CA ASP C 17 36.85 -20.07 10.30
C ASP C 17 36.31 -19.97 11.75
N GLY C 18 36.25 -21.09 12.45
CA GLY C 18 35.71 -21.09 13.83
C GLY C 18 34.98 -22.37 14.16
N ALA C 19 34.58 -22.48 15.43
CA ALA C 19 33.96 -23.70 15.91
C ALA C 19 32.55 -23.80 15.38
N GLN C 20 32.14 -25.02 15.09
CA GLN C 20 30.87 -25.18 14.43
C GLN C 20 29.67 -24.79 15.26
N GLU C 21 29.76 -25.01 16.57
CA GLU C 21 28.65 -24.60 17.47
C GLU C 21 28.43 -23.07 17.49
N LYS C 22 29.35 -22.28 16.92
CA LYS C 22 29.21 -20.84 16.92
C LYS C 22 28.26 -20.32 15.81
N PHE C 23 27.85 -21.16 14.87
CA PHE C 23 27.17 -20.69 13.64
C PHE C 23 25.81 -21.33 13.36
N ASN C 24 24.82 -20.46 13.06
CA ASN C 24 23.53 -20.80 12.54
C ASN C 24 23.20 -19.71 11.57
N THR C 25 23.53 -19.91 10.31
CA THR C 25 23.66 -18.85 9.33
C THR C 25 22.73 -18.96 8.15
N TYR C 26 22.43 -17.79 7.60
CA TYR C 26 21.60 -17.65 6.42
C TYR C 26 22.29 -16.66 5.51
N VAL C 27 21.87 -16.69 4.24
CA VAL C 27 22.40 -15.84 3.18
C VAL C 27 21.28 -14.97 2.67
N THR C 28 21.52 -13.68 2.63
CA THR C 28 20.65 -12.70 2.02
CA THR C 28 20.62 -12.71 2.00
C THR C 28 21.25 -12.25 0.68
N LEU C 29 20.40 -12.18 -0.33
CA LEU C 29 20.74 -11.73 -1.69
C LEU C 29 19.95 -10.45 -1.93
N LYS C 30 20.61 -9.36 -2.29
CA LYS C 30 19.94 -8.15 -2.65
C LYS C 30 20.34 -7.71 -4.06
N VAL C 31 19.36 -7.36 -4.88
N VAL C 31 19.37 -7.42 -4.91
CA VAL C 31 19.57 -6.76 -6.18
CA VAL C 31 19.63 -6.86 -6.22
C VAL C 31 18.36 -5.89 -6.48
C VAL C 31 18.54 -5.82 -6.50
N GLN C 32 18.60 -4.76 -7.13
N GLN C 32 18.96 -4.69 -7.05
CA GLN C 32 17.54 -3.85 -7.60
CA GLN C 32 18.09 -3.56 -7.24
C GLN C 32 16.38 -3.71 -6.62
C GLN C 32 17.36 -3.35 -5.92
N ASN C 33 16.71 -3.27 -5.41
N ASN C 33 16.03 -3.34 -5.97
CA ASN C 33 15.71 -3.02 -4.32
CA ASN C 33 15.27 -3.01 -4.78
C ASN C 33 14.83 -4.21 -3.83
C ASN C 33 14.59 -4.19 -4.09
N VAL C 34 15.13 -5.40 -4.28
CA VAL C 34 14.54 -6.60 -3.74
C VAL C 34 15.56 -7.45 -2.97
N LYS C 35 15.04 -8.39 -2.19
CA LYS C 35 15.87 -9.23 -1.35
C LYS C 35 15.20 -10.57 -1.16
N SER C 36 16.01 -11.63 -1.21
CA SER C 36 15.54 -12.96 -0.87
C SER C 36 16.58 -13.55 0.05
N THR C 37 16.16 -14.52 0.85
CA THR C 37 16.95 -15.06 1.92
CA THR C 37 17.00 -15.10 1.89
C THR C 37 16.84 -16.57 1.98
N THR C 38 17.94 -17.26 2.26
CA THR C 38 17.90 -18.71 2.51
C THR C 38 17.34 -18.99 3.92
N ILE C 39 17.11 -20.27 4.21
CA ILE C 39 16.91 -20.72 5.56
C ILE C 39 18.23 -20.64 6.34
N ALA C 40 18.15 -20.75 7.65
CA ALA C 40 19.33 -20.83 8.52
C ALA C 40 19.74 -22.29 8.65
N VAL C 41 21.04 -22.49 8.60
CA VAL C 41 21.65 -23.81 8.68
C VAL C 41 22.81 -23.76 9.66
N ARG C 42 22.93 -24.75 10.53
CA ARG C 42 23.94 -24.76 11.57
C ARG C 42 25.28 -25.30 11.08
N GLY C 43 26.34 -24.82 11.75
CA GLY C 43 27.67 -25.42 11.58
C GLY C 43 28.69 -24.53 10.89
N SER C 44 29.95 -24.95 10.91
CA SER C 44 31.04 -24.17 10.26
C SER C 44 31.11 -24.41 8.73
N GLN C 45 30.38 -25.38 8.20
CA GLN C 45 30.32 -25.64 6.75
C GLN C 45 28.87 -25.92 6.33
N PRO C 46 28.03 -24.90 6.49
CA PRO C 46 26.60 -25.06 6.16
C PRO C 46 26.41 -25.21 4.68
N SER C 47 25.46 -26.06 4.34
CA SER C 47 25.04 -26.26 2.97
C SER C 47 23.59 -25.83 2.85
N TRP C 48 23.34 -24.93 1.94
CA TRP C 48 21.98 -24.47 1.62
C TRP C 48 21.45 -25.05 0.30
N GLU C 49 22.30 -25.05 -0.71
CA GLU C 49 21.99 -25.53 -2.05
C GLU C 49 20.64 -25.01 -2.46
N GLN C 50 20.51 -23.70 -2.44
CA GLN C 50 19.22 -23.04 -2.79
C GLN C 50 19.45 -22.10 -3.92
N ASP C 51 18.59 -22.22 -4.94
CA ASP C 51 18.65 -21.44 -6.17
C ASP C 51 17.58 -20.32 -6.16
N PHE C 52 17.96 -19.13 -6.61
CA PHE C 52 17.12 -17.91 -6.63
C PHE C 52 17.11 -17.36 -8.05
N MET C 53 16.04 -16.64 -8.38
CA MET C 53 15.96 -15.96 -9.70
C MET C 53 15.48 -14.52 -9.48
N PHE C 54 16.08 -13.59 -10.19
CA PHE C 54 15.73 -12.17 -10.16
C PHE C 54 15.63 -11.60 -11.57
N GLU C 55 14.60 -10.80 -11.80
CA GLU C 55 14.45 -10.11 -13.05
C GLU C 55 15.27 -8.83 -12.97
N ILE C 56 16.18 -8.65 -13.91
CA ILE C 56 17.14 -7.52 -13.92
C ILE C 56 16.83 -6.58 -15.04
N ASN C 57 16.72 -5.29 -14.75
CA ASN C 57 16.77 -4.29 -15.81
C ASN C 57 17.87 -3.25 -15.62
N ARG C 58 18.76 -3.47 -14.67
CA ARG C 58 19.95 -2.64 -14.49
C ARG C 58 21.16 -3.54 -14.47
N LEU C 59 21.69 -3.81 -15.66
CA LEU C 59 22.86 -4.66 -15.83
C LEU C 59 24.16 -4.01 -15.34
N ASP C 60 24.11 -2.72 -15.06
CA ASP C 60 25.26 -1.99 -14.59
C ASP C 60 25.58 -2.12 -13.10
N LEU C 61 24.61 -2.60 -12.33
CA LEU C 61 24.74 -2.73 -10.86
C LEU C 61 25.28 -4.07 -10.44
N GLY C 62 25.00 -4.47 -9.20
CA GLY C 62 25.59 -5.66 -8.66
C GLY C 62 24.65 -6.39 -7.73
N LEU C 63 25.07 -7.59 -7.45
CA LEU C 63 24.40 -8.45 -6.51
C LEU C 63 25.11 -8.38 -5.16
N THR C 64 24.43 -7.97 -4.10
CA THR C 64 25.00 -7.97 -2.76
C THR C 64 24.63 -9.27 -2.10
N VAL C 65 25.64 -9.94 -1.57
CA VAL C 65 25.51 -11.20 -0.83
C VAL C 65 25.96 -10.91 0.60
N GLU C 66 25.11 -11.24 1.56
CA GLU C 66 25.46 -11.14 2.98
C GLU C 66 25.21 -12.46 3.66
N VAL C 67 26.12 -12.88 4.51
CA VAL C 67 25.96 -14.03 5.39
C VAL C 67 25.74 -13.52 6.80
N TRP C 68 24.68 -13.95 7.42
CA TRP C 68 24.29 -13.53 8.77
C TRP C 68 24.22 -14.69 9.71
N ASN C 69 24.69 -14.49 10.93
CA ASN C 69 24.59 -15.46 12.03
C ASN C 69 23.35 -15.12 12.85
N LYS C 70 22.40 -16.02 12.91
CA LYS C 70 21.10 -15.80 13.52
C LYS C 70 21.21 -15.82 15.04
N GLY C 71 20.67 -14.82 15.72
CA GLY C 71 20.59 -14.77 17.17
C GLY C 71 19.19 -14.55 17.57
N LEU C 72 18.95 -14.66 18.87
CA LEU C 72 17.62 -14.41 19.39
C LEU C 72 17.07 -12.96 19.34
N ILE C 73 17.96 -12.03 19.59
CA ILE C 73 17.63 -10.59 19.68
C ILE C 73 18.21 -9.88 18.47
N TRP C 74 19.41 -10.18 18.12
CA TRP C 74 20.03 -9.61 16.97
C TRP C 74 20.77 -10.66 16.20
N ASP C 75 20.99 -10.38 14.98
CA ASP C 75 21.77 -11.18 14.07
C ASP C 75 23.10 -10.47 13.79
N THR C 76 24.18 -11.19 13.54
CA THR C 76 25.51 -10.62 13.37
C THR C 76 26.01 -10.95 11.99
N MET C 77 26.54 -9.98 11.25
CA MET C 77 27.00 -10.27 9.91
C MET C 77 28.33 -11.00 9.95
N VAL C 78 28.38 -12.11 9.26
CA VAL C 78 29.61 -12.90 9.11
C VAL C 78 30.49 -12.27 8.02
N GLY C 79 29.87 -11.83 6.92
CA GLY C 79 30.56 -11.02 5.95
C GLY C 79 29.75 -10.85 4.73
N THR C 80 30.32 -10.17 3.74
CA THR C 80 29.56 -9.71 2.57
C THR C 80 30.49 -9.70 1.31
N VAL C 81 29.94 -9.90 0.12
CA VAL C 81 30.59 -9.61 -1.16
C VAL C 81 29.60 -8.94 -2.11
N TRP C 82 30.14 -8.20 -3.07
CA TRP C 82 29.35 -7.52 -4.05
C TRP C 82 29.83 -7.95 -5.40
N ILE C 83 28.96 -8.59 -6.18
CA ILE C 83 29.29 -9.15 -7.48
C ILE C 83 28.68 -8.29 -8.56
N PRO C 84 29.50 -7.60 -9.34
CA PRO C 84 28.96 -6.76 -10.40
C PRO C 84 28.30 -7.67 -11.45
N LEU C 85 27.10 -7.32 -11.88
CA LEU C 85 26.37 -8.19 -12.81
C LEU C 85 27.06 -8.38 -14.16
N ARG C 86 27.90 -7.41 -14.53
CA ARG C 86 28.72 -7.46 -15.72
C ARG C 86 29.69 -8.64 -15.74
N THR C 87 30.01 -9.20 -14.58
CA THR C 87 30.94 -10.33 -14.48
C THR C 87 30.22 -11.67 -14.56
N ILE C 88 28.88 -11.67 -14.63
CA ILE C 88 28.13 -12.93 -14.59
C ILE C 88 27.87 -13.39 -16.00
N ARG C 89 28.10 -14.67 -16.23
CA ARG C 89 28.01 -15.22 -17.55
C ARG C 89 26.65 -15.78 -17.90
N GLN C 90 26.40 -15.94 -19.20
CA GLN C 90 25.22 -16.61 -19.69
C GLN C 90 25.40 -18.12 -19.55
N SER C 91 24.35 -18.82 -19.12
CA SER C 91 24.34 -20.28 -19.15
C SER C 91 22.90 -20.77 -19.10
N ASN C 92 22.67 -22.06 -19.34
CA ASN C 92 21.31 -22.59 -19.16
C ASN C 92 21.12 -23.48 -17.95
N GLU C 93 22.19 -23.65 -17.17
CA GLU C 93 22.09 -24.38 -15.93
C GLU C 93 23.21 -24.01 -14.97
N GLU C 94 23.06 -24.47 -13.73
CA GLU C 94 23.95 -24.15 -12.63
C GLU C 94 25.27 -24.88 -12.81
N GLY C 95 26.37 -24.20 -12.54
CA GLY C 95 27.71 -24.77 -12.50
C GLY C 95 28.08 -25.12 -11.07
N PRO C 96 29.30 -25.60 -10.83
CA PRO C 96 29.71 -26.01 -9.50
C PRO C 96 30.02 -24.85 -8.55
N GLY C 97 30.07 -23.63 -9.07
CA GLY C 97 30.25 -22.46 -8.23
C GLY C 97 31.70 -22.05 -8.06
N GLU C 98 31.88 -20.81 -7.62
CA GLU C 98 33.20 -20.25 -7.29
C GLU C 98 33.18 -19.85 -5.80
N TRP C 99 34.30 -20.04 -5.16
CA TRP C 99 34.53 -19.62 -3.81
C TRP C 99 34.86 -18.12 -3.81
N LEU C 100 34.17 -17.38 -2.97
CA LEU C 100 34.47 -15.97 -2.76
C LEU C 100 34.75 -15.72 -1.28
N THR C 101 35.82 -15.00 -1.00
CA THR C 101 36.11 -14.60 0.36
C THR C 101 35.17 -13.50 0.80
N LEU C 102 34.57 -13.71 1.96
CA LEU C 102 33.66 -12.68 2.52
C LEU C 102 34.47 -11.53 3.13
N ASP C 103 34.07 -10.32 2.82
CA ASP C 103 34.64 -9.11 3.40
C ASP C 103 33.79 -8.62 4.57
N SER C 104 34.37 -7.78 5.40
CA SER C 104 33.68 -7.33 6.60
C SER C 104 32.67 -6.23 6.37
N GLN C 105 32.92 -5.33 5.43
CA GLN C 105 31.90 -4.28 5.16
C GLN C 105 31.86 -3.80 3.76
N ALA C 106 30.71 -3.20 3.41
CA ALA C 106 30.55 -2.59 2.13
C ALA C 106 31.30 -1.27 2.03
N ILE C 107 31.71 -0.93 0.81
CA ILE C 107 32.09 0.44 0.49
C ILE C 107 30.88 1.08 -0.14
N MET C 108 30.57 2.30 0.32
CA MET C 108 29.41 3.07 -0.11
C MET C 108 29.89 4.22 -0.99
N ALA C 109 29.43 4.26 -2.24
CA ALA C 109 29.59 5.45 -3.10
C ALA C 109 28.23 6.17 -3.16
N ASP C 110 28.18 7.35 -2.55
CA ASP C 110 26.98 8.17 -2.55
C ASP C 110 25.77 7.35 -2.12
N SER C 111 25.90 6.74 -0.94
CA SER C 111 24.83 5.95 -0.32
C SER C 111 24.46 4.68 -1.05
N GLU C 112 25.24 4.31 -2.07
CA GLU C 112 25.07 3.05 -2.76
C GLU C 112 26.32 2.21 -2.69
N ILE C 113 26.15 0.93 -2.41
CA ILE C 113 27.25 0.00 -2.38
C ILE C 113 27.96 -0.07 -3.77
N CYS C 114 29.29 0.02 -3.75
CA CYS C 114 30.12 -0.09 -4.94
C CYS C 114 31.27 -1.09 -4.78
N GLY C 115 31.24 -1.90 -3.72
CA GLY C 115 32.30 -2.85 -3.46
C GLY C 115 32.30 -3.24 -2.01
N THR C 116 33.33 -3.96 -1.57
CA THR C 116 33.49 -4.34 -0.15
C THR C 116 34.98 -4.22 0.24
N LYS C 117 35.27 -4.22 1.54
CA LYS C 117 36.62 -4.11 2.02
C LYS C 117 36.82 -4.95 3.28
N ASP C 118 38.09 -5.19 3.60
CA ASP C 118 38.55 -5.86 4.82
C ASP C 118 38.18 -7.34 4.81
N PRO C 119 38.93 -8.16 4.09
CA PRO C 119 38.68 -9.60 4.07
C PRO C 119 38.63 -10.30 5.42
N THR C 120 37.68 -11.23 5.56
CA THR C 120 37.66 -12.19 6.63
C THR C 120 38.33 -13.47 6.20
N PHE C 121 38.38 -14.45 7.09
CA PHE C 121 38.85 -15.77 6.78
C PHE C 121 37.71 -16.70 6.36
N HIS C 122 36.52 -16.15 6.19
CA HIS C 122 35.33 -16.89 5.82
C HIS C 122 35.10 -16.82 4.28
N ARG C 123 34.50 -17.87 3.70
CA ARG C 123 34.25 -17.92 2.26
C ARG C 123 32.89 -18.53 2.00
N ILE C 124 32.33 -18.15 0.86
CA ILE C 124 31.08 -18.69 0.37
C ILE C 124 31.23 -19.27 -1.05
N LEU C 125 30.49 -20.34 -1.31
CA LEU C 125 30.52 -21.03 -2.62
C LEU C 125 29.20 -20.63 -3.29
N LEU C 126 29.31 -19.94 -4.40
CA LEU C 126 28.18 -19.38 -5.09
C LEU C 126 28.27 -19.66 -6.60
N ASP C 127 27.15 -19.97 -7.25
CA ASP C 127 27.05 -19.99 -8.72
C ASP C 127 26.11 -18.87 -9.07
N ALA C 128 26.48 -18.07 -10.05
CA ALA C 128 25.55 -17.14 -10.68
C ALA C 128 25.64 -17.25 -12.19
N HIS C 129 24.52 -17.11 -12.88
CA HIS C 129 24.51 -17.07 -14.34
C HIS C 129 23.22 -16.40 -14.79
N PHE C 130 23.26 -15.81 -15.98
CA PHE C 130 22.05 -15.28 -16.61
C PHE C 130 21.47 -16.31 -17.54
N GLU C 131 20.14 -16.32 -17.60
CA GLU C 131 19.38 -17.11 -18.54
C GLU C 131 18.49 -16.22 -19.43
N SER D 5 -22.45 24.87 8.49
CA SER D 5 -22.62 23.98 9.68
C SER D 5 -21.56 22.90 9.57
N LEU D 6 -21.14 22.38 10.72
CA LEU D 6 -20.16 21.31 10.78
C LEU D 6 -20.83 20.00 11.16
N LEU D 7 -20.82 19.07 10.23
CA LEU D 7 -21.43 17.76 10.44
C LEU D 7 -20.37 16.81 10.96
N CYS D 8 -20.63 16.23 12.12
CA CYS D 8 -19.77 15.21 12.70
C CYS D 8 -20.43 13.87 12.53
N VAL D 9 -19.67 12.91 12.06
CA VAL D 9 -20.11 11.54 11.92
C VAL D 9 -19.13 10.62 12.63
N GLY D 10 -19.69 9.79 13.50
CA GLY D 10 -18.95 8.79 14.24
C GLY D 10 -19.28 7.42 13.75
N VAL D 11 -18.36 6.83 12.99
CA VAL D 11 -18.55 5.46 12.46
C VAL D 11 -17.99 4.48 13.48
N LYS D 12 -18.87 3.81 14.20
CA LYS D 12 -18.45 3.00 15.34
C LYS D 12 -18.02 1.58 14.94
N LYS D 13 -19.02 0.80 14.51
CA LYS D 13 -18.82 -0.62 14.23
C LYS D 13 -20.01 -1.11 13.45
N ALA D 14 -19.96 -2.36 13.01
CA ALA D 14 -21.08 -2.97 12.29
C ALA D 14 -21.28 -4.39 12.75
N LYS D 15 -22.42 -4.97 12.39
CA LYS D 15 -22.73 -6.36 12.68
C LYS D 15 -23.38 -6.96 11.44
N PHE D 16 -22.70 -7.91 10.81
CA PHE D 16 -23.16 -8.52 9.59
C PHE D 16 -23.76 -9.90 9.82
N ASP D 17 -24.70 -10.25 8.99
CA ASP D 17 -25.29 -11.56 8.98
C ASP D 17 -24.50 -12.51 8.06
N GLY D 18 -24.12 -13.65 8.58
CA GLY D 18 -23.21 -14.57 7.84
C GLY D 18 -21.81 -14.71 8.44
N ALA D 19 -21.02 -15.58 7.82
CA ALA D 19 -19.74 -16.02 8.41
C ALA D 19 -18.66 -14.95 8.46
N GLN D 20 -17.89 -14.98 9.56
CA GLN D 20 -16.79 -14.03 9.81
C GLN D 20 -15.84 -13.89 8.62
N GLU D 21 -15.45 -15.05 8.08
CA GLU D 21 -14.44 -15.10 7.01
C GLU D 21 -14.90 -14.46 5.68
N LYS D 22 -16.19 -14.16 5.57
CA LYS D 22 -16.71 -13.60 4.36
C LYS D 22 -16.44 -12.08 4.27
N PHE D 23 -15.96 -11.41 5.34
CA PHE D 23 -16.01 -9.92 5.34
C PHE D 23 -14.66 -9.27 5.58
N ASN D 24 -14.38 -8.26 4.77
CA ASN D 24 -13.28 -7.32 4.96
C ASN D 24 -13.76 -6.00 4.45
N THR D 25 -14.27 -5.19 5.33
CA THR D 25 -15.21 -4.11 5.01
C THR D 25 -14.75 -2.75 5.43
N TYR D 26 -15.17 -1.76 4.65
CA TYR D 26 -14.92 -0.36 4.92
C TYR D 26 -16.23 0.41 4.78
N VAL D 27 -16.27 1.60 5.35
CA VAL D 27 -17.42 2.50 5.29
C VAL D 27 -17.03 3.71 4.50
N THR D 28 -17.83 4.04 3.53
CA THR D 28 -17.72 5.28 2.76
C THR D 28 -18.85 6.21 3.19
N LEU D 29 -18.51 7.47 3.39
CA LEU D 29 -19.43 8.57 3.73
C LEU D 29 -19.36 9.54 2.56
N LYS D 30 -20.51 9.88 2.04
CA LYS D 30 -20.63 10.89 0.98
C LYS D 30 -21.64 11.94 1.36
N VAL D 31 -21.26 13.19 1.23
CA VAL D 31 -22.12 14.34 1.45
C VAL D 31 -21.63 15.51 0.63
N GLN D 32 -22.55 16.38 0.24
N GLN D 32 -22.51 16.38 0.18
CA GLN D 32 -22.28 17.47 -0.71
CA GLN D 32 -22.09 17.62 -0.51
C GLN D 32 -21.56 16.84 -1.91
C GLN D 32 -20.81 17.42 -1.44
N ASN D 33 -20.42 17.38 -2.30
N ASN D 33 -20.91 16.41 -2.30
CA ASN D 33 -19.68 16.74 -3.40
CA ASN D 33 -19.94 16.15 -3.37
C ASN D 33 -18.48 15.84 -2.95
C ASN D 33 -18.50 15.89 -2.93
N VAL D 34 -18.38 15.52 -1.67
CA VAL D 34 -17.16 14.87 -1.11
C VAL D 34 -17.39 13.51 -0.58
N LYS D 35 -16.30 12.82 -0.30
CA LYS D 35 -16.31 11.45 0.16
C LYS D 35 -15.10 11.20 1.05
N SER D 36 -15.30 10.48 2.15
CA SER D 36 -14.19 10.03 3.01
CA SER D 36 -14.20 10.00 2.95
C SER D 36 -14.52 8.58 3.38
N THR D 37 -13.51 7.77 3.63
N THR D 37 -13.48 7.79 3.64
CA THR D 37 -13.65 6.34 3.78
CA THR D 37 -13.63 6.40 3.92
C THR D 37 -12.78 5.83 4.91
C THR D 37 -12.85 5.98 5.17
N THR D 38 -13.31 4.90 5.76
CA THR D 38 -12.57 4.22 6.84
C THR D 38 -11.54 3.30 6.18
N ILE D 39 -10.67 2.71 7.00
CA ILE D 39 -9.89 1.54 6.59
C ILE D 39 -10.78 0.29 6.47
N ALA D 40 -10.26 -0.76 5.87
CA ALA D 40 -10.92 -2.04 5.83
C ALA D 40 -10.58 -2.85 7.08
N VAL D 41 -11.59 -3.49 7.64
CA VAL D 41 -11.44 -4.26 8.88
C VAL D 41 -12.13 -5.60 8.66
N ARG D 42 -11.50 -6.70 9.09
CA ARG D 42 -12.06 -8.03 8.87
C ARG D 42 -13.12 -8.42 9.91
N GLY D 43 -14.01 -9.32 9.49
CA GLY D 43 -14.91 -10.03 10.35
C GLY D 43 -16.36 -9.60 10.26
N SER D 44 -17.21 -10.33 10.98
CA SER D 44 -18.64 -10.06 11.05
C SER D 44 -19.04 -8.95 11.98
N GLN D 45 -18.10 -8.50 12.80
CA GLN D 45 -18.36 -7.42 13.73
C GLN D 45 -17.21 -6.45 13.76
N PRO D 46 -16.94 -5.83 12.62
CA PRO D 46 -15.80 -4.89 12.53
C PRO D 46 -16.02 -3.66 13.34
N SER D 47 -14.96 -3.19 13.92
CA SER D 47 -14.92 -1.93 14.63
C SER D 47 -13.97 -0.97 13.91
N TRP D 48 -14.44 0.21 13.59
CA TRP D 48 -13.64 1.29 13.03
C TRP D 48 -13.37 2.42 14.04
N GLU D 49 -14.40 2.80 14.78
CA GLU D 49 -14.30 3.87 15.78
C GLU D 49 -13.60 5.11 15.22
N GLN D 50 -14.12 5.59 14.09
CA GLN D 50 -13.56 6.75 13.35
C GLN D 50 -14.52 7.87 13.19
N ASP D 51 -14.08 9.04 13.60
CA ASP D 51 -14.85 10.30 13.57
C ASP D 51 -14.45 11.08 12.32
N PHE D 52 -15.46 11.64 11.68
CA PHE D 52 -15.33 12.44 10.46
C PHE D 52 -16.01 13.79 10.72
N MET D 53 -15.57 14.83 9.99
CA MET D 53 -16.17 16.16 10.04
C MET D 53 -16.29 16.70 8.60
N PHE D 54 -17.47 17.22 8.27
CA PHE D 54 -17.76 17.78 6.95
C PHE D 54 -18.38 19.15 7.04
N GLU D 55 -17.87 20.07 6.25
CA GLU D 55 -18.45 21.43 6.15
C GLU D 55 -19.69 21.38 5.24
N ILE D 56 -20.84 21.82 5.77
CA ILE D 56 -22.15 21.70 5.10
C ILE D 56 -22.80 23.04 4.80
N ASN D 57 -23.49 23.14 3.65
CA ASN D 57 -24.50 24.18 3.40
C ASN D 57 -25.74 23.86 2.50
N ARG D 58 -26.07 22.59 2.32
CA ARG D 58 -27.28 22.19 1.56
C ARG D 58 -28.06 21.18 2.41
N LEU D 59 -28.93 21.71 3.28
CA LEU D 59 -29.63 20.87 4.23
C LEU D 59 -30.71 20.03 3.58
N ASP D 60 -31.03 20.35 2.33
CA ASP D 60 -32.05 19.60 1.60
C ASP D 60 -31.55 18.23 1.08
N LEU D 61 -30.23 17.97 1.11
CA LEU D 61 -29.72 16.70 0.62
C LEU D 61 -29.48 15.79 1.81
N GLY D 62 -28.66 14.75 1.64
CA GLY D 62 -28.41 13.77 2.69
C GLY D 62 -26.98 13.32 2.84
N LEU D 63 -26.74 12.56 3.89
CA LEU D 63 -25.50 11.81 4.09
C LEU D 63 -25.68 10.37 3.63
N THR D 64 -24.87 9.93 2.68
CA THR D 64 -24.93 8.57 2.16
C THR D 64 -23.85 7.79 2.91
N VAL D 65 -24.23 6.69 3.50
CA VAL D 65 -23.35 5.76 4.20
C VAL D 65 -23.40 4.47 3.40
N GLU D 66 -22.25 3.99 2.98
CA GLU D 66 -22.13 2.71 2.29
C GLU D 66 -21.13 1.83 2.97
N VAL D 67 -21.46 0.58 3.18
CA VAL D 67 -20.53 -0.43 3.63
C VAL D 67 -20.16 -1.34 2.48
N TRP D 68 -18.89 -1.43 2.21
CA TRP D 68 -18.34 -2.19 1.07
C TRP D 68 -17.49 -3.32 1.52
N ASN D 69 -17.61 -4.48 0.88
CA ASN D 69 -16.77 -5.64 1.11
C ASN D 69 -15.65 -5.60 0.08
N LYS D 70 -14.42 -5.48 0.52
CA LYS D 70 -13.23 -5.28 -0.33
C LYS D 70 -12.89 -6.59 -1.04
N GLY D 71 -12.72 -6.52 -2.34
CA GLY D 71 -12.31 -7.66 -3.16
C GLY D 71 -11.09 -7.31 -3.97
N LEU D 72 -10.52 -8.29 -4.66
CA LEU D 72 -9.36 -8.06 -5.45
C LEU D 72 -9.61 -7.24 -6.73
N ILE D 73 -10.70 -7.51 -7.40
CA ILE D 73 -11.07 -6.98 -8.73
C ILE D 73 -12.26 -6.01 -8.61
N TRP D 74 -13.24 -6.42 -7.84
N TRP D 74 -13.16 -6.30 -7.73
CA TRP D 74 -14.33 -5.55 -7.44
CA TRP D 74 -14.31 -5.48 -7.53
C TRP D 74 -14.64 -5.59 -5.97
C TRP D 74 -14.71 -5.62 -6.07
N ASP D 75 -15.31 -4.57 -5.53
CA ASP D 75 -15.82 -4.50 -4.18
C ASP D 75 -17.30 -4.71 -4.31
N THR D 76 -17.92 -5.29 -3.31
CA THR D 76 -19.36 -5.65 -3.28
C THR D 76 -20.05 -4.88 -2.18
N MET D 77 -21.15 -4.22 -2.48
N MET D 77 -21.13 -4.19 -2.46
CA MET D 77 -21.88 -3.48 -1.45
CA MET D 77 -21.72 -3.36 -1.42
C MET D 77 -22.50 -4.47 -0.45
C MET D 77 -22.59 -4.23 -0.47
N VAL D 78 -22.25 -4.19 0.81
CA VAL D 78 -22.94 -4.90 1.90
C VAL D 78 -24.30 -4.22 2.17
N GLY D 79 -24.32 -2.90 2.20
CA GLY D 79 -25.56 -2.14 2.29
C GLY D 79 -25.31 -0.68 2.48
N THR D 80 -26.39 0.09 2.50
CA THR D 80 -26.36 1.55 2.44
C THR D 80 -27.56 2.12 3.22
N VAL D 81 -27.32 3.29 3.80
CA VAL D 81 -28.41 4.12 4.29
C VAL D 81 -28.20 5.55 3.80
N TRP D 82 -29.30 6.29 3.73
CA TRP D 82 -29.31 7.70 3.29
C TRP D 82 -30.01 8.49 4.40
N ILE D 83 -29.29 9.39 5.02
CA ILE D 83 -29.79 10.13 6.19
C ILE D 83 -29.98 11.58 5.75
N PRO D 84 -31.23 12.04 5.58
CA PRO D 84 -31.47 13.44 5.26
C PRO D 84 -30.81 14.32 6.29
N LEU D 85 -30.13 15.36 5.85
CA LEU D 85 -29.44 16.22 6.77
C LEU D 85 -30.38 16.93 7.74
N ARG D 86 -31.61 17.16 7.31
CA ARG D 86 -32.65 17.76 8.19
C ARG D 86 -32.96 16.94 9.42
N THR D 87 -32.75 15.65 9.33
CA THR D 87 -33.04 14.78 10.45
C THR D 87 -31.93 14.67 11.49
N ILE D 88 -30.76 15.26 11.24
CA ILE D 88 -29.62 15.06 12.12
C ILE D 88 -29.60 16.05 13.29
N ARG D 89 -29.40 15.51 14.49
CA ARG D 89 -29.50 16.31 15.74
C ARG D 89 -28.43 17.39 15.79
N GLN D 90 -28.76 18.52 16.44
CA GLN D 90 -27.79 19.55 16.67
C GLN D 90 -27.30 19.44 18.09
N SER D 91 -26.02 19.17 18.25
CA SER D 91 -25.41 18.94 19.55
C SER D 91 -23.91 19.08 19.43
N ASN D 92 -23.28 19.61 20.48
CA ASN D 92 -21.82 19.74 20.54
C ASN D 92 -21.16 18.49 21.10
N GLU D 93 -21.99 17.52 21.48
CA GLU D 93 -21.54 16.32 22.16
C GLU D 93 -21.64 15.11 21.26
N GLU D 94 -20.63 14.26 21.37
CA GLU D 94 -20.60 12.94 20.76
C GLU D 94 -21.63 12.06 21.44
N GLY D 95 -22.13 11.05 20.75
CA GLY D 95 -23.04 10.09 21.35
C GLY D 95 -22.56 8.70 21.02
N PRO D 96 -23.22 7.68 21.57
CA PRO D 96 -22.84 6.28 21.38
C PRO D 96 -23.28 5.71 20.02
N GLY D 97 -24.16 6.42 19.35
CA GLY D 97 -24.69 5.98 18.07
C GLY D 97 -26.02 5.25 18.18
N GLU D 98 -26.62 5.05 17.01
CA GLU D 98 -27.81 4.20 16.85
C GLU D 98 -27.50 3.08 15.90
N TRP D 99 -28.01 1.90 16.15
CA TRP D 99 -28.00 0.81 15.22
C TRP D 99 -28.99 1.06 14.08
N LEU D 100 -28.49 1.04 12.85
CA LEU D 100 -29.27 1.30 11.66
C LEU D 100 -29.25 0.06 10.80
N THR D 101 -30.39 -0.32 10.28
CA THR D 101 -30.47 -1.39 9.31
C THR D 101 -29.95 -0.88 7.99
N LEU D 102 -29.02 -1.63 7.42
CA LEU D 102 -28.54 -1.33 6.07
C LEU D 102 -29.51 -1.86 5.01
N ASP D 103 -29.79 -1.03 4.03
CA ASP D 103 -30.61 -1.42 2.87
C ASP D 103 -29.73 -1.86 1.69
N SER D 104 -30.29 -2.58 0.74
CA SER D 104 -29.48 -3.16 -0.31
C SER D 104 -29.31 -2.21 -1.52
N GLN D 105 -30.24 -1.28 -1.72
N GLN D 105 -30.29 -1.32 -1.77
CA GLN D 105 -30.18 -0.42 -2.88
CA GLN D 105 -30.30 -0.50 -3.00
C GLN D 105 -30.53 1.00 -2.59
C GLN D 105 -30.65 0.95 -2.73
N ALA D 106 -29.95 1.89 -3.37
CA ALA D 106 -30.33 3.29 -3.41
C ALA D 106 -31.64 3.53 -4.21
N ILE D 107 -32.43 4.50 -3.75
CA ILE D 107 -33.53 5.06 -4.53
C ILE D 107 -32.94 6.29 -5.17
N MET D 108 -33.06 6.36 -6.49
CA MET D 108 -32.57 7.50 -7.29
C MET D 108 -33.71 8.26 -7.93
N ALA D 109 -33.60 9.57 -7.94
CA ALA D 109 -34.57 10.43 -8.65
C ALA D 109 -33.74 11.54 -9.26
N ASP D 110 -33.95 11.83 -10.54
CA ASP D 110 -32.92 12.51 -11.31
C ASP D 110 -31.72 11.58 -11.27
N SER D 111 -30.50 12.08 -11.17
CA SER D 111 -29.39 11.16 -10.96
C SER D 111 -28.80 11.41 -9.57
N GLU D 112 -29.71 11.59 -8.60
CA GLU D 112 -29.34 11.86 -7.21
C GLU D 112 -30.03 10.85 -6.27
N ILE D 113 -29.31 10.42 -5.25
CA ILE D 113 -29.89 9.55 -4.23
C ILE D 113 -30.96 10.32 -3.42
N CYS D 114 -32.03 9.62 -3.09
CA CYS D 114 -33.11 10.24 -2.31
C CYS D 114 -33.74 9.28 -1.30
N GLY D 115 -33.04 8.19 -1.00
CA GLY D 115 -33.56 7.13 -0.16
C GLY D 115 -32.85 5.83 -0.45
N THR D 116 -33.28 4.78 0.23
CA THR D 116 -32.79 3.45 0.03
C THR D 116 -33.96 2.49 0.15
N LYS D 117 -33.80 1.29 -0.36
CA LYS D 117 -34.84 0.27 -0.24
C LYS D 117 -34.27 -1.14 -0.09
N ASP D 118 -35.12 -2.08 0.26
CA ASP D 118 -34.83 -3.51 0.27
C ASP D 118 -33.89 -3.82 1.44
N PRO D 119 -34.41 -3.83 2.65
CA PRO D 119 -33.55 -4.06 3.81
C PRO D 119 -32.78 -5.38 3.79
N THR D 120 -31.56 -5.32 4.34
CA THR D 120 -30.71 -6.50 4.60
C THR D 120 -30.80 -6.85 6.07
N PHE D 121 -30.15 -7.97 6.41
CA PHE D 121 -29.95 -8.39 7.79
C PHE D 121 -28.67 -7.88 8.42
N HIS D 122 -28.10 -6.85 7.81
CA HIS D 122 -26.86 -6.22 8.26
C HIS D 122 -27.15 -4.89 8.92
N ARG D 123 -26.33 -4.52 9.89
CA ARG D 123 -26.53 -3.31 10.67
C ARG D 123 -25.22 -2.55 10.89
N ILE D 124 -25.35 -1.23 11.01
CA ILE D 124 -24.23 -0.38 11.38
C ILE D 124 -24.59 0.48 12.60
N LEU D 125 -23.62 0.70 13.49
CA LEU D 125 -23.73 1.58 14.64
C LEU D 125 -23.04 2.89 14.31
N LEU D 126 -23.86 3.92 14.22
CA LEU D 126 -23.42 5.22 13.73
C LEU D 126 -23.97 6.37 14.54
N ASP D 127 -23.14 7.39 14.80
CA ASP D 127 -23.60 8.65 15.39
C ASP D 127 -23.40 9.75 14.34
N ALA D 128 -24.31 10.73 14.34
CA ALA D 128 -24.11 11.96 13.56
C ALA D 128 -24.70 13.12 14.32
N HIS D 129 -24.04 14.26 14.31
CA HIS D 129 -24.60 15.46 14.88
C HIS D 129 -24.00 16.69 14.22
N PHE D 130 -24.78 17.75 14.15
CA PHE D 130 -24.31 19.05 13.70
C PHE D 130 -23.79 19.89 14.84
N GLU D 131 -22.72 20.61 14.55
CA GLU D 131 -22.27 21.74 15.39
C GLU D 131 -21.71 22.94 14.58
C1 EDO E . -4.55 0.62 7.47
O1 EDO E . -4.07 1.12 6.24
C2 EDO E . -3.94 1.34 8.68
O2 EDO E . -2.51 1.13 8.83
C1 EDO F . 12.34 3.80 24.11
O1 EDO F . 12.92 4.77 25.01
C2 EDO F . 12.57 4.23 22.67
O2 EDO F . 11.58 5.24 22.28
C1 EDO G . 31.12 4.66 22.40
C1 EDO G . 31.01 4.61 22.42
O1 EDO G . 31.74 5.94 22.63
O1 EDO G . 32.22 4.28 23.11
C2 EDO G . 29.91 4.51 23.32
C2 EDO G . 29.80 4.38 23.33
O2 EDO G . 30.14 5.11 24.62
O2 EDO G . 30.17 4.37 24.72
C1 EDO H . 14.20 12.71 19.48
O1 EDO H . 15.13 11.60 19.42
C2 EDO H . 12.74 12.29 19.29
O2 EDO H . 12.15 11.34 20.19
C1 EDO I . 16.93 10.02 15.09
O1 EDO I . 17.97 10.28 16.04
C2 EDO I . 15.58 10.58 15.52
O2 EDO I . 15.21 10.25 16.88
C1 EDO J . 11.70 -14.65 1.06
O1 EDO J . 13.12 -14.63 1.23
C2 EDO J . 11.07 -13.25 1.18
O2 EDO J . 10.71 -12.91 2.56
C1 EDO K . 14.45 -3.39 24.50
O1 EDO K . 15.34 -3.66 25.61
C2 EDO K . 13.06 -3.97 24.71
O2 EDO K . 13.09 -5.37 25.01
C1 EDO L . 14.00 4.88 30.69
O1 EDO L . 15.21 5.03 29.98
C2 EDO L . 13.85 3.56 31.41
O2 EDO L . 13.98 2.46 30.48
C FMT M . 3.49 -11.68 -0.87
O1 FMT M . 4.38 -11.68 -1.78
O2 FMT M . 3.07 -12.75 -0.32
C FMT N . 7.03 -1.47 -1.89
O1 FMT N . 7.96 -0.82 -2.43
O2 FMT N . 6.66 -2.58 -2.30
C FMT O . 13.85 -5.72 21.51
O1 FMT O . 12.53 -5.62 21.26
O2 FMT O . 14.66 -6.74 21.31
C FMT P . 1.22 11.03 -14.95
O1 FMT P . 0.97 9.96 -15.46
O2 FMT P . 0.32 11.83 -14.72
C1 EDO Q . 10.21 17.97 11.17
O1 EDO Q . 9.85 16.57 11.08
C2 EDO Q . 11.67 18.10 10.86
O2 EDO Q . 12.36 17.55 12.00
C FMT R . 11.84 25.39 6.44
O1 FMT R . 10.82 25.14 5.82
O2 FMT R . 12.90 24.84 6.10
C1 EDO S . -18.01 5.21 -4.75
O1 EDO S . -17.90 6.61 -4.75
C2 EDO S . -18.80 4.63 -3.60
O2 EDO S . -20.19 4.87 -3.90
C1 EDO T . -9.94 10.27 0.95
O1 EDO T . -9.20 9.57 -0.09
C2 EDO T . -9.77 9.61 2.32
O2 EDO T . -10.84 8.69 2.60
C1 EDO U . -12.20 -8.93 -27.85
O1 EDO U . -13.51 -9.00 -27.27
C2 EDO U . -11.33 -10.00 -27.19
O2 EDO U . -11.12 -9.75 -25.80
C1 EDO V . -19.19 2.65 -28.67
O1 EDO V . -19.47 1.93 -27.46
C2 EDO V . -17.87 3.40 -28.55
O2 EDO V . -16.67 2.64 -28.42
C1 EDO W . -21.47 4.21 -23.30
O1 EDO W . -22.06 2.98 -23.71
C2 EDO W . -20.45 4.69 -24.32
O2 EDO W . -19.72 3.59 -24.87
C1 EDO X . -28.94 -10.48 -18.56
O1 EDO X . -29.99 -10.34 -19.51
C2 EDO X . -27.61 -10.50 -19.30
O2 EDO X . -27.51 -11.72 -20.05
C1 EDO Y . -12.97 -2.11 -23.71
O1 EDO Y . -12.81 -0.91 -24.57
C2 EDO Y . -12.18 -3.31 -24.19
O2 EDO Y . -12.91 -3.89 -25.27
C FMT Z . -22.43 0.76 -25.95
O1 FMT Z . -21.33 1.32 -26.01
O2 FMT Z . -23.36 1.10 -26.73
C1 EDO AA . 20.16 -7.33 5.42
O1 EDO AA . 21.06 -6.29 4.97
C2 EDO AA . 18.85 -6.74 5.96
O2 EDO AA . 18.02 -6.17 4.97
C FMT BA . 16.65 -12.58 14.71
O1 FMT BA . 16.91 -13.84 14.53
O2 FMT BA . 17.04 -11.83 15.72
C FMT CA . 22.19 -25.57 -5.87
O1 FMT CA . 22.57 -24.45 -5.50
O2 FMT CA . 21.00 -25.89 -5.92
C1 EDO DA . 12.60 -25.50 6.20
O1 EDO DA . 11.49 -26.33 6.68
C2 EDO DA . 13.11 -24.46 7.22
O2 EDO DA . 12.18 -23.39 7.53
C1 EDO EA . -15.11 18.66 3.50
O1 EDO EA . -16.47 18.70 3.92
C2 EDO EA . -14.38 18.66 4.82
O2 EDO EA . -14.74 19.89 5.46
C1 EDO FA . -27.56 9.47 12.63
O1 EDO FA . -28.41 10.65 12.71
C2 EDO FA . -27.59 8.59 13.88
O2 EDO FA . -27.03 9.28 15.01
C1 EDO GA . -12.57 14.87 7.58
C1 EDO GA . -12.08 15.74 7.50
O1 EDO GA . -13.05 14.70 8.92
O1 EDO GA . -12.69 16.63 8.45
C2 EDO GA . -13.21 13.81 6.69
C2 EDO GA . -13.00 14.58 7.12
O2 EDO GA . -14.02 14.42 5.68
O2 EDO GA . -13.27 13.85 8.31
C1 EDO HA . -9.55 6.36 13.40
O1 EDO HA . -8.49 5.86 12.58
C2 EDO HA . -9.00 6.64 14.76
O2 EDO HA . -8.34 5.45 15.19
C1 EDO IA . -16.03 6.90 16.67
O1 EDO IA . -17.12 7.79 16.82
C2 EDO IA . -15.11 6.99 17.88
O2 EDO IA . -15.77 6.36 19.00
C FMT JA . -26.71 8.69 18.49
O1 FMT JA . -26.91 9.47 17.53
O2 FMT JA . -25.76 8.81 19.25
C FMT KA . -34.23 -6.73 9.11
O1 FMT KA . -34.31 -6.75 7.87
O2 FMT KA . -34.57 -5.74 9.79
C FMT LA . -11.18 -3.08 -5.55
O1 FMT LA . -11.25 -4.14 -6.12
O2 FMT LA . -10.67 -3.03 -4.46
#